data_6QTV
#
_entry.id   6QTV
#
_cell.length_a   48.896
_cell.length_b   55.089
_cell.length_c   103.069
_cell.angle_alpha   90.000
_cell.angle_beta   90.000
_cell.angle_gamma   90.000
#
_symmetry.space_group_name_H-M   'P 21 21 21'
#
loop_
_entity.id
_entity.type
_entity.pdbx_description
1 polymer 'E3 ubiquitin-protein ligase COP1'
2 polymer 'Transcription factor HFR1'
3 non-polymer 'MALONATE ION'
4 non-polymer GLYCEROL
5 water water
#
loop_
_entity_poly.entity_id
_entity_poly.type
_entity_poly.pdbx_seq_one_letter_code
_entity_poly.pdbx_strand_id
1 'polypeptide(L)'
;GAMTFTRYSRLRVIAEIRHGDIFHSANIVSSIEFDRDDELFATAGVSRCIKVFDFSSVVNEPADMQCPIVEMSTRSKLSC
LSWNKHEKNHIASSDYEGIVTVWDVTTRQSLMEYEEHEKRAWSVDFSRTEPSMLVSGSDDCKVKVWCTRQEASVINIDMK
ANIC(CSO)VKYNPGSSNYIAVGSADHHIHYYDLRNISQPLHVFSGHKKAVSYVKFLSNNELASASTDSTLRLWDVKDNL
PVRTFRGHTNEKNFVGLTVNSEYLACGSETNEVYVYHKEITRPVTSHRFGSPDMDDAEEEAGSYFISAVCWKSDSPTMLT
ANSQGTIKVLVLAA
;
A
2 'polypeptide(L)' (ACE)YLQIVPEIHK B
#
# COMPACT_ATOMS: atom_id res chain seq x y z
N THR A 6 26.98 0.40 -2.95
CA THR A 6 26.94 0.81 -4.35
C THR A 6 26.54 -0.34 -5.27
N ARG A 7 26.05 -1.44 -4.69
CA ARG A 7 25.60 -2.57 -5.50
C ARG A 7 24.68 -2.10 -6.62
N TYR A 8 23.81 -1.15 -6.32
CA TYR A 8 22.93 -0.54 -7.29
C TYR A 8 23.15 0.97 -7.28
N SER A 9 23.00 1.59 -8.45
CA SER A 9 23.11 3.04 -8.56
C SER A 9 21.94 3.69 -9.29
N ARG A 10 21.06 2.91 -9.93
CA ARG A 10 20.01 3.49 -10.76
C ARG A 10 18.83 2.55 -10.80
N LEU A 11 17.73 3.07 -11.36
CA LEU A 11 16.54 2.30 -11.69
C LEU A 11 16.36 2.33 -13.21
N ARG A 12 16.39 1.17 -13.83
CA ARG A 12 16.20 1.05 -15.27
C ARG A 12 14.71 0.87 -15.55
N VAL A 13 14.22 1.56 -16.58
CA VAL A 13 12.86 1.36 -17.06
C VAL A 13 12.86 0.18 -18.02
N ILE A 14 12.12 -0.87 -17.69
CA ILE A 14 12.02 -2.03 -18.58
C ILE A 14 10.66 -2.15 -19.26
N ALA A 15 9.66 -1.39 -18.84
CA ALA A 15 8.39 -1.35 -19.52
C ALA A 15 7.62 -0.12 -19.08
N GLU A 16 6.74 0.36 -19.95
CA GLU A 16 5.93 1.55 -19.66
C GLU A 16 4.56 1.33 -20.29
N ILE A 17 3.51 1.55 -19.50
CA ILE A 17 2.13 1.54 -19.98
C ILE A 17 1.63 2.98 -19.87
N ARG A 18 1.42 3.64 -21.00
CA ARG A 18 1.02 5.04 -21.00
C ARG A 18 -0.49 5.15 -20.82
N ASN A 27 -7.47 9.69 -13.38
CA ASN A 27 -6.04 9.80 -13.65
C ASN A 27 -5.19 9.06 -12.62
N ILE A 28 -5.32 9.45 -11.35
CA ILE A 28 -4.40 8.98 -10.31
C ILE A 28 -4.58 7.48 -10.07
N VAL A 29 -3.46 6.76 -10.06
CA VAL A 29 -3.44 5.36 -9.66
C VAL A 29 -3.11 5.32 -8.17
N SER A 30 -4.08 4.95 -7.36
CA SER A 30 -3.93 4.91 -5.91
CA SER A 30 -3.89 4.92 -5.91
C SER A 30 -3.24 3.65 -5.39
N SER A 31 -3.25 2.58 -6.19
CA SER A 31 -2.76 1.30 -5.71
C SER A 31 -2.29 0.48 -6.91
N ILE A 32 -1.16 -0.19 -6.73
CA ILE A 32 -0.64 -1.15 -7.71
C ILE A 32 -0.06 -2.31 -6.91
N GLU A 33 -0.50 -3.53 -7.21
CA GLU A 33 -0.15 -4.68 -6.37
C GLU A 33 -0.05 -5.97 -7.21
N PHE A 34 0.96 -6.79 -6.89
CA PHE A 34 1.13 -8.12 -7.45
C PHE A 34 0.23 -9.13 -6.75
N ASP A 35 -0.21 -10.15 -7.50
CA ASP A 35 -0.96 -11.27 -6.93
C ASP A 35 -0.01 -12.20 -6.15
N ARG A 36 -0.60 -13.28 -5.62
CA ARG A 36 0.10 -14.20 -4.73
C ARG A 36 1.38 -14.75 -5.34
N ASP A 37 1.45 -14.87 -6.67
CA ASP A 37 2.58 -15.50 -7.34
C ASP A 37 3.45 -14.50 -8.09
N ASP A 38 3.21 -13.20 -7.91
CA ASP A 38 3.89 -12.18 -8.72
C ASP A 38 3.70 -12.44 -10.23
N GLU A 39 2.54 -12.97 -10.61
CA GLU A 39 2.25 -13.26 -12.01
CA GLU A 39 2.25 -13.26 -12.01
C GLU A 39 1.38 -12.18 -12.65
N LEU A 40 0.29 -11.83 -12.01
CA LEU A 40 -0.55 -10.71 -12.41
C LEU A 40 -0.33 -9.55 -11.45
N PHE A 41 -0.67 -8.35 -11.92
CA PHE A 41 -0.76 -7.20 -11.04
C PHE A 41 -2.02 -6.43 -11.37
N ALA A 42 -2.48 -5.66 -10.40
CA ALA A 42 -3.71 -4.90 -10.54
C ALA A 42 -3.45 -3.45 -10.18
N THR A 43 -4.19 -2.56 -10.84
CA THR A 43 -4.18 -1.14 -10.53
C THR A 43 -5.60 -0.67 -10.20
N ALA A 44 -5.68 0.39 -9.40
CA ALA A 44 -6.96 1.00 -9.13
C ALA A 44 -6.73 2.44 -8.73
N GLY A 45 -7.76 3.26 -8.90
CA GLY A 45 -7.66 4.64 -8.48
C GLY A 45 -8.92 5.42 -8.70
N VAL A 46 -8.74 6.70 -9.06
CA VAL A 46 -9.85 7.62 -9.10
C VAL A 46 -10.75 7.39 -10.31
N SER A 47 -10.31 6.64 -11.32
CA SER A 47 -11.15 6.37 -12.46
C SER A 47 -12.21 5.30 -12.20
N ARG A 48 -12.29 4.72 -11.01
CA ARG A 48 -13.37 3.79 -10.66
C ARG A 48 -13.30 2.49 -11.48
N CYS A 49 -12.10 1.95 -11.63
CA CYS A 49 -11.91 0.73 -12.40
CA CYS A 49 -11.98 0.67 -12.30
C CYS A 49 -10.71 -0.02 -11.83
N ILE A 50 -10.86 -1.31 -11.60
CA ILE A 50 -9.74 -2.18 -11.23
C ILE A 50 -9.29 -2.86 -12.51
N LYS A 51 -8.02 -2.68 -12.88
CA LYS A 51 -7.47 -3.29 -14.09
C LYS A 51 -6.42 -4.32 -13.71
N VAL A 52 -6.46 -5.48 -14.35
CA VAL A 52 -5.55 -6.58 -14.07
C VAL A 52 -4.70 -6.82 -15.31
N PHE A 53 -3.38 -6.89 -15.11
CA PHE A 53 -2.42 -7.10 -16.19
C PHE A 53 -1.57 -8.33 -15.91
N ASP A 54 -1.06 -8.95 -16.99
CA ASP A 54 -0.11 -10.05 -16.89
C ASP A 54 1.31 -9.47 -16.92
N PHE A 55 2.07 -9.68 -15.84
CA PHE A 55 3.38 -9.05 -15.73
C PHE A 55 4.32 -9.42 -16.88
N SER A 56 4.41 -10.72 -17.21
CA SER A 56 5.33 -11.14 -18.27
CA SER A 56 5.35 -11.11 -18.25
C SER A 56 4.94 -10.52 -19.61
N SER A 57 3.64 -10.42 -19.89
CA SER A 57 3.21 -9.82 -21.14
C SER A 57 3.62 -8.36 -21.21
N VAL A 58 3.44 -7.64 -20.09
CA VAL A 58 3.81 -6.24 -20.04
C VAL A 58 5.30 -6.06 -20.32
N VAL A 59 6.14 -6.92 -19.73
CA VAL A 59 7.59 -6.81 -19.89
CA VAL A 59 7.58 -6.77 -19.91
C VAL A 59 8.00 -7.18 -21.31
N ASN A 60 7.34 -8.18 -21.91
CA ASN A 60 7.78 -8.68 -23.21
C ASN A 60 7.24 -7.89 -24.40
N GLU A 61 6.12 -7.20 -24.25
CA GLU A 61 5.43 -6.62 -25.39
C GLU A 61 5.76 -5.14 -25.54
N PRO A 62 5.49 -4.56 -26.73
CA PRO A 62 5.73 -3.14 -26.99
C PRO A 62 4.62 -2.22 -26.49
N GLN A 66 -0.33 -3.31 -25.26
CA GLN A 66 -0.67 -3.35 -23.83
C GLN A 66 -2.19 -3.31 -23.68
N CYS A 67 -2.74 -4.18 -22.82
CA CYS A 67 -4.17 -4.22 -22.56
CA CYS A 67 -4.17 -4.24 -22.57
C CYS A 67 -4.43 -5.07 -21.33
N PRO A 68 -5.31 -4.63 -20.40
CA PRO A 68 -5.60 -5.47 -19.24
C PRO A 68 -6.31 -6.75 -19.67
N ILE A 69 -6.11 -7.81 -18.88
CA ILE A 69 -6.84 -9.06 -19.10
C ILE A 69 -8.19 -9.09 -18.41
N VAL A 70 -8.42 -8.20 -17.44
CA VAL A 70 -9.68 -8.05 -16.75
C VAL A 70 -9.82 -6.60 -16.34
N GLU A 71 -11.05 -6.07 -16.41
CA GLU A 71 -11.37 -4.76 -15.86
C GLU A 71 -12.69 -4.88 -15.12
N MET A 72 -12.76 -4.31 -13.93
CA MET A 72 -13.96 -4.30 -13.11
C MET A 72 -14.30 -2.86 -12.76
N SER A 73 -15.47 -2.40 -13.17
CA SER A 73 -15.94 -1.06 -12.85
C SER A 73 -16.46 -1.02 -11.42
N THR A 74 -16.23 0.10 -10.74
CA THR A 74 -16.64 0.23 -9.34
C THR A 74 -17.54 1.44 -9.16
N ARG A 75 -18.27 1.43 -8.04
CA ARG A 75 -19.21 2.51 -7.76
C ARG A 75 -18.50 3.78 -7.33
N SER A 76 -17.32 3.66 -6.70
CA SER A 76 -16.67 4.80 -6.11
CA SER A 76 -16.65 4.76 -6.04
C SER A 76 -15.18 4.76 -6.41
N LYS A 77 -14.54 5.92 -6.22
CA LYS A 77 -13.09 6.02 -6.37
C LYS A 77 -12.40 5.08 -5.39
N LEU A 78 -11.29 4.49 -5.84
CA LEU A 78 -10.58 3.47 -5.08
C LEU A 78 -9.33 4.04 -4.43
N SER A 79 -9.10 3.62 -3.18
CA SER A 79 -7.92 4.03 -2.42
CA SER A 79 -7.92 4.03 -2.43
C SER A 79 -6.86 2.95 -2.29
N CYS A 80 -7.22 1.66 -2.33
CA CYS A 80 -6.26 0.61 -2.00
C CYS A 80 -6.75 -0.74 -2.52
N LEU A 81 -5.77 -1.59 -2.86
CA LEU A 81 -6.01 -2.98 -3.22
C LEU A 81 -5.14 -3.90 -2.38
N SER A 82 -5.64 -5.13 -2.18
CA SER A 82 -4.84 -6.18 -1.52
C SER A 82 -5.28 -7.52 -2.07
N TRP A 83 -4.36 -8.24 -2.71
CA TRP A 83 -4.68 -9.56 -3.21
C TRP A 83 -4.70 -10.58 -2.08
N ASN A 84 -5.53 -11.61 -2.23
CA ASN A 84 -5.55 -12.69 -1.26
C ASN A 84 -4.29 -13.53 -1.40
N LYS A 85 -3.76 -13.99 -0.27
CA LYS A 85 -2.50 -14.71 -0.26
C LYS A 85 -2.67 -16.20 -0.49
N HIS A 86 -3.91 -16.70 -0.49
CA HIS A 86 -4.20 -18.11 -0.71
C HIS A 86 -5.07 -18.33 -1.93
N GLU A 87 -6.14 -17.56 -2.08
CA GLU A 87 -7.02 -17.65 -3.23
C GLU A 87 -6.43 -16.76 -4.31
N LYS A 88 -5.82 -17.39 -5.32
CA LYS A 88 -5.13 -16.66 -6.37
C LYS A 88 -5.98 -15.56 -6.99
N ASN A 89 -7.27 -15.83 -7.19
CA ASN A 89 -8.11 -14.97 -8.00
CA ASN A 89 -8.19 -15.04 -7.98
C ASN A 89 -8.87 -13.92 -7.21
N HIS A 90 -8.66 -13.81 -5.91
CA HIS A 90 -9.41 -12.86 -5.09
C HIS A 90 -8.57 -11.65 -4.73
N ILE A 91 -9.23 -10.49 -4.74
CA ILE A 91 -8.60 -9.20 -4.47
C ILE A 91 -9.59 -8.33 -3.72
N ALA A 92 -9.11 -7.63 -2.70
CA ALA A 92 -9.92 -6.68 -1.95
C ALA A 92 -9.61 -5.25 -2.37
N SER A 93 -10.62 -4.40 -2.28
CA SER A 93 -10.49 -2.97 -2.51
C SER A 93 -11.17 -2.19 -1.37
N SER A 94 -10.67 -0.98 -1.15
CA SER A 94 -11.29 0.03 -0.31
C SER A 94 -11.63 1.25 -1.17
N ASP A 95 -12.73 1.93 -0.86
CA ASP A 95 -13.20 3.01 -1.72
C ASP A 95 -13.60 4.24 -0.91
N TYR A 96 -13.84 5.33 -1.63
CA TYR A 96 -14.08 6.64 -1.05
C TYR A 96 -15.45 6.75 -0.38
N GLU A 97 -16.34 5.78 -0.60
CA GLU A 97 -17.60 5.71 0.11
C GLU A 97 -17.45 5.00 1.45
N GLY A 98 -16.32 4.34 1.68
CA GLY A 98 -16.12 3.51 2.85
C GLY A 98 -16.31 2.02 2.64
N ILE A 99 -16.69 1.59 1.43
CA ILE A 99 -16.98 0.19 1.18
CA ILE A 99 -16.98 0.19 1.18
C ILE A 99 -15.69 -0.59 0.98
N VAL A 100 -15.63 -1.76 1.58
CA VAL A 100 -14.54 -2.72 1.42
C VAL A 100 -15.11 -3.91 0.67
N THR A 101 -14.59 -4.18 -0.51
CA THR A 101 -15.14 -5.19 -1.42
C THR A 101 -14.11 -6.28 -1.64
N VAL A 102 -14.56 -7.54 -1.64
CA VAL A 102 -13.72 -8.65 -2.11
C VAL A 102 -14.26 -9.07 -3.47
N TRP A 103 -13.37 -9.14 -4.46
CA TRP A 103 -13.71 -9.44 -5.84
C TRP A 103 -13.05 -10.74 -6.27
N ASP A 104 -13.67 -11.42 -7.23
CA ASP A 104 -13.07 -12.53 -7.96
C ASP A 104 -12.75 -12.04 -9.37
N VAL A 105 -11.46 -12.02 -9.73
CA VAL A 105 -11.04 -11.47 -11.02
C VAL A 105 -11.32 -12.41 -12.18
N THR A 106 -11.67 -13.66 -11.90
CA THR A 106 -12.10 -14.53 -13.00
C THR A 106 -13.58 -14.33 -13.33
N THR A 107 -14.44 -14.20 -12.32
CA THR A 107 -15.86 -14.01 -12.62
C THR A 107 -16.26 -12.55 -12.74
N ARG A 108 -15.41 -11.63 -12.29
CA ARG A 108 -15.63 -10.19 -12.23
C ARG A 108 -16.62 -9.77 -11.16
N GLN A 109 -17.07 -10.68 -10.34
CA GLN A 109 -18.13 -10.35 -9.41
C GLN A 109 -17.57 -9.94 -8.06
N SER A 110 -18.33 -9.10 -7.36
CA SER A 110 -18.06 -8.85 -5.96
C SER A 110 -18.54 -10.07 -5.17
N LEU A 111 -17.66 -10.61 -4.35
CA LEU A 111 -17.97 -11.71 -3.46
C LEU A 111 -18.53 -11.23 -2.13
N MET A 112 -17.95 -10.15 -1.59
CA MET A 112 -18.41 -9.55 -0.34
C MET A 112 -18.36 -8.04 -0.51
N GLU A 113 -19.35 -7.37 0.06
CA GLU A 113 -19.40 -5.90 0.12
C GLU A 113 -19.63 -5.54 1.57
N TYR A 114 -18.58 -5.06 2.23
CA TYR A 114 -18.61 -4.72 3.64
C TYR A 114 -18.85 -3.23 3.76
N GLU A 115 -19.94 -2.84 4.42
CA GLU A 115 -20.46 -1.47 4.32
C GLU A 115 -20.58 -0.75 5.67
N GLU A 116 -19.89 -1.22 6.70
CA GLU A 116 -20.04 -0.64 8.02
C GLU A 116 -19.33 0.71 8.16
N HIS A 117 -18.22 0.94 7.47
CA HIS A 117 -17.56 2.23 7.61
C HIS A 117 -18.50 3.33 7.14
N GLU A 118 -18.48 4.46 7.85
CA GLU A 118 -19.35 5.59 7.55
C GLU A 118 -18.69 6.64 6.67
N LYS A 119 -17.38 6.53 6.45
CA LYS A 119 -16.64 7.48 5.64
CA LYS A 119 -16.64 7.47 5.63
C LYS A 119 -15.62 6.70 4.82
N ARG A 120 -15.02 7.39 3.86
CA ARG A 120 -13.92 6.89 3.04
C ARG A 120 -13.02 5.94 3.79
N ALA A 121 -12.80 4.78 3.21
CA ALA A 121 -11.81 3.83 3.71
C ALA A 121 -10.53 4.02 2.88
N TRP A 122 -9.41 4.22 3.57
CA TRP A 122 -8.15 4.52 2.90
C TRP A 122 -7.33 3.28 2.60
N SER A 123 -7.57 2.17 3.28
CA SER A 123 -6.62 1.06 3.25
CA SER A 123 -6.65 1.05 3.15
C SER A 123 -7.35 -0.24 3.52
N VAL A 124 -6.90 -1.32 2.86
CA VAL A 124 -7.33 -2.68 3.15
C VAL A 124 -6.11 -3.58 3.02
N ASP A 125 -6.07 -4.64 3.84
CA ASP A 125 -4.99 -5.61 3.77
C ASP A 125 -5.51 -7.00 4.12
N PHE A 126 -5.23 -7.97 3.23
CA PHE A 126 -5.49 -9.39 3.51
C PHE A 126 -4.31 -9.99 4.26
N SER A 127 -4.61 -10.74 5.32
CA SER A 127 -3.54 -11.39 6.09
C SER A 127 -2.88 -12.50 5.27
N ARG A 128 -1.57 -12.63 5.42
CA ARG A 128 -0.83 -13.71 4.76
C ARG A 128 -1.05 -15.05 5.46
N THR A 129 -1.15 -15.06 6.78
CA THR A 129 -1.13 -16.33 7.52
C THR A 129 -2.51 -16.85 7.87
N GLU A 130 -3.52 -15.99 7.92
CA GLU A 130 -4.92 -16.40 8.06
CA GLU A 130 -4.91 -16.41 8.05
C GLU A 130 -5.65 -15.74 6.89
N PRO A 131 -5.62 -16.35 5.71
CA PRO A 131 -5.91 -15.61 4.48
C PRO A 131 -7.36 -15.25 4.29
N SER A 132 -8.29 -15.76 5.11
CA SER A 132 -9.67 -15.30 5.06
CA SER A 132 -9.67 -15.29 5.05
C SER A 132 -9.89 -13.99 5.82
N MET A 133 -8.87 -13.49 6.52
CA MET A 133 -8.98 -12.29 7.33
CA MET A 133 -9.00 -12.29 7.33
C MET A 133 -8.45 -11.08 6.59
N LEU A 134 -9.17 -9.96 6.69
CA LEU A 134 -8.76 -8.69 6.10
C LEU A 134 -9.09 -7.56 7.06
N VAL A 135 -8.29 -6.50 7.00
CA VAL A 135 -8.43 -5.35 7.88
C VAL A 135 -8.55 -4.08 7.05
N SER A 136 -9.37 -3.14 7.50
CA SER A 136 -9.54 -1.86 6.85
C SER A 136 -9.49 -0.71 7.86
N GLY A 137 -9.14 0.46 7.35
CA GLY A 137 -9.13 1.68 8.15
C GLY A 137 -9.73 2.84 7.39
N SER A 138 -10.32 3.77 8.14
CA SER A 138 -11.18 4.79 7.54
C SER A 138 -11.06 6.17 8.21
N ASP A 139 -11.45 7.18 7.45
CA ASP A 139 -11.70 8.53 7.98
C ASP A 139 -12.71 8.54 9.11
N ASP A 140 -13.55 7.50 9.23
CA ASP A 140 -14.48 7.40 10.37
C ASP A 140 -13.79 7.05 11.68
N CYS A 141 -12.46 6.94 11.69
CA CYS A 141 -11.67 6.70 12.89
C CYS A 141 -11.84 5.30 13.44
N LYS A 142 -12.25 4.35 12.61
CA LYS A 142 -12.39 2.96 13.02
C LYS A 142 -11.43 2.09 12.22
N VAL A 143 -10.95 1.04 12.89
CA VAL A 143 -10.31 -0.11 12.25
C VAL A 143 -11.29 -1.25 12.32
N LYS A 144 -11.55 -1.92 11.20
CA LYS A 144 -12.42 -3.08 11.17
C LYS A 144 -11.69 -4.30 10.65
N VAL A 145 -11.89 -5.42 11.32
CA VAL A 145 -11.36 -6.72 10.88
C VAL A 145 -12.53 -7.55 10.40
N TRP A 146 -12.37 -8.15 9.24
CA TRP A 146 -13.41 -8.89 8.54
C TRP A 146 -12.89 -10.28 8.24
N CYS A 147 -13.84 -11.21 8.15
CA CYS A 147 -13.58 -12.56 7.65
C CYS A 147 -14.43 -12.80 6.42
N THR A 148 -13.84 -13.39 5.36
CA THR A 148 -14.58 -13.58 4.11
C THR A 148 -15.78 -14.51 4.26
N ARG A 149 -15.86 -15.30 5.33
CA ARG A 149 -17.00 -16.17 5.57
C ARG A 149 -18.12 -15.52 6.39
N GLN A 150 -17.99 -14.25 6.78
CA GLN A 150 -18.97 -13.58 7.63
C GLN A 150 -19.27 -12.19 7.12
N GLU A 151 -20.55 -11.84 7.10
CA GLU A 151 -20.98 -10.53 6.61
C GLU A 151 -20.67 -9.38 7.57
N ALA A 152 -20.74 -9.60 8.88
CA ALA A 152 -20.48 -8.55 9.85
C ALA A 152 -19.01 -8.54 10.26
N SER A 153 -18.50 -7.36 10.59
CA SER A 153 -17.13 -7.27 11.10
C SER A 153 -16.94 -8.16 12.33
N VAL A 154 -15.73 -8.73 12.42
CA VAL A 154 -15.43 -9.56 13.56
CA VAL A 154 -15.34 -9.58 13.53
C VAL A 154 -14.81 -8.75 14.70
N ILE A 155 -14.03 -7.70 14.38
CA ILE A 155 -13.44 -6.81 15.37
C ILE A 155 -13.63 -5.38 14.90
N ASN A 156 -13.94 -4.49 15.84
CA ASN A 156 -14.00 -3.05 15.60
C ASN A 156 -13.17 -2.34 16.66
N ILE A 157 -12.26 -1.47 16.23
CA ILE A 157 -11.45 -0.65 17.12
C ILE A 157 -11.83 0.81 16.89
N ASP A 158 -12.34 1.47 17.92
CA ASP A 158 -12.67 2.89 17.87
C ASP A 158 -11.43 3.69 18.24
N MET A 159 -10.96 4.49 17.30
CA MET A 159 -9.76 5.31 17.42
CA MET A 159 -9.78 5.31 17.54
C MET A 159 -10.14 6.78 17.52
N LYS A 160 -9.16 7.62 17.85
CA LYS A 160 -9.40 9.04 18.05
C LYS A 160 -9.21 9.90 16.82
N ALA A 161 -8.61 9.37 15.76
CA ALA A 161 -8.28 10.18 14.58
C ALA A 161 -8.37 9.33 13.34
N ASN A 162 -8.40 10.00 12.19
CA ASN A 162 -8.56 9.33 10.91
C ASN A 162 -7.47 8.26 10.74
N ILE A 163 -7.85 7.09 10.21
CA ILE A 163 -6.90 6.02 9.96
CA ILE A 163 -6.90 6.01 9.95
C ILE A 163 -6.54 6.06 8.48
N CYS A 164 -5.25 6.19 8.20
CA CYS A 164 -4.76 6.30 6.85
C CYS A 164 -4.23 5.00 6.28
N VAL A 166 -3.53 0.50 7.28
CA VAL A 166 -3.51 -0.66 8.14
C VAL A 166 -2.72 -1.78 7.44
N LYS A 167 -2.02 -2.58 8.22
CA LYS A 167 -1.26 -3.68 7.64
C LYS A 167 -1.11 -4.79 8.67
N TYR A 168 -1.36 -6.04 8.24
CA TYR A 168 -1.07 -7.21 9.05
C TYR A 168 0.43 -7.50 9.11
N ASN A 169 0.88 -7.93 10.28
CA ASN A 169 2.20 -8.53 10.41
C ASN A 169 2.29 -9.74 9.47
N PRO A 170 3.43 -9.94 8.80
CA PRO A 170 3.52 -11.04 7.82
C PRO A 170 3.61 -12.41 8.45
N GLY A 171 3.92 -12.50 9.75
CA GLY A 171 4.11 -13.78 10.41
C GLY A 171 2.98 -14.23 11.30
N SER A 172 2.05 -13.32 11.60
CA SER A 172 0.96 -13.67 12.50
C SER A 172 -0.21 -12.73 12.28
N SER A 173 -1.41 -13.31 12.20
CA SER A 173 -2.65 -12.55 12.04
C SER A 173 -3.10 -11.90 13.34
N ASN A 174 -2.35 -12.05 14.43
CA ASN A 174 -2.74 -11.39 15.67
C ASN A 174 -2.27 -9.93 15.75
N TYR A 175 -1.39 -9.47 14.86
CA TYR A 175 -0.84 -8.12 14.98
C TYR A 175 -1.14 -7.30 13.74
N ILE A 176 -1.57 -6.05 13.96
CA ILE A 176 -1.72 -5.07 12.89
C ILE A 176 -1.02 -3.78 13.27
N ALA A 177 -0.41 -3.12 12.28
CA ALA A 177 0.05 -1.75 12.40
C ALA A 177 -1.00 -0.81 11.81
N VAL A 178 -1.27 0.29 12.52
CA VAL A 178 -2.27 1.28 12.15
C VAL A 178 -1.60 2.65 12.12
N GLY A 179 -1.56 3.27 10.95
CA GLY A 179 -1.03 4.63 10.81
C GLY A 179 -2.17 5.63 10.86
N SER A 180 -2.02 6.63 11.71
CA SER A 180 -3.09 7.56 12.02
C SER A 180 -2.71 9.00 11.69
N ALA A 181 -3.74 9.80 11.44
CA ALA A 181 -3.59 11.24 11.29
C ALA A 181 -3.14 11.90 12.58
N ASP A 182 -3.16 11.20 13.71
CA ASP A 182 -2.61 11.74 14.95
C ASP A 182 -1.07 11.71 14.99
N HIS A 183 -0.42 11.25 13.94
CA HIS A 183 1.03 11.26 13.73
C HIS A 183 1.68 10.00 14.28
N HIS A 184 0.93 9.07 14.87
CA HIS A 184 1.51 7.90 15.50
C HIS A 184 1.13 6.61 14.77
N ILE A 185 1.92 5.58 15.02
CA ILE A 185 1.64 4.22 14.56
C ILE A 185 1.14 3.45 15.78
N HIS A 186 -0.08 2.94 15.73
CA HIS A 186 -0.65 2.16 16.81
C HIS A 186 -0.51 0.69 16.44
N TYR A 187 0.20 -0.06 17.25
CA TYR A 187 0.49 -1.47 16.95
C TYR A 187 -0.37 -2.30 17.88
N TYR A 188 -1.34 -3.03 17.31
CA TYR A 188 -2.33 -3.78 18.07
C TYR A 188 -2.11 -5.28 18.04
N ASP A 189 -2.37 -5.89 19.19
CA ASP A 189 -2.63 -7.33 19.30
C ASP A 189 -4.15 -7.51 19.30
N LEU A 190 -4.67 -8.10 18.23
CA LEU A 190 -6.11 -8.24 18.04
C LEU A 190 -6.75 -9.18 19.05
N ARG A 191 -5.97 -9.91 19.84
CA ARG A 191 -6.52 -10.71 20.91
C ARG A 191 -6.91 -9.87 22.11
N ASN A 192 -6.43 -8.62 22.21
CA ASN A 192 -6.91 -7.71 23.25
C ASN A 192 -6.81 -6.29 22.73
N ILE A 193 -7.91 -5.77 22.20
CA ILE A 193 -7.88 -4.45 21.58
C ILE A 193 -8.17 -3.31 22.54
N SER A 194 -8.28 -3.61 23.84
CA SER A 194 -8.54 -2.55 24.79
C SER A 194 -7.43 -1.51 24.82
N GLN A 195 -6.19 -1.92 24.55
CA GLN A 195 -5.04 -1.03 24.47
C GLN A 195 -4.14 -1.59 23.38
N PRO A 196 -3.46 -0.74 22.62
CA PRO A 196 -2.43 -1.26 21.71
C PRO A 196 -1.27 -1.85 22.49
N LEU A 197 -0.51 -2.73 21.83
CA LEU A 197 0.75 -3.18 22.39
C LEU A 197 1.71 -2.03 22.61
N HIS A 198 1.78 -1.12 21.65
CA HIS A 198 2.71 -0.01 21.69
C HIS A 198 2.22 1.01 20.68
N VAL A 199 2.52 2.28 20.96
CA VAL A 199 2.25 3.37 20.04
C VAL A 199 3.57 4.05 19.76
N PHE A 200 3.97 4.06 18.48
CA PHE A 200 5.23 4.62 18.05
C PHE A 200 5.08 6.07 17.65
N SER A 201 5.74 6.95 18.39
CA SER A 201 5.81 8.37 18.06
CA SER A 201 5.81 8.37 18.09
C SER A 201 7.15 8.70 17.44
N GLY A 202 7.11 9.67 16.52
CA GLY A 202 8.31 10.16 15.86
C GLY A 202 7.97 11.00 14.66
N HIS A 203 6.99 10.55 13.88
CA HIS A 203 6.53 11.35 12.75
C HIS A 203 5.88 12.64 13.24
N LYS A 204 6.02 13.69 12.45
CA LYS A 204 5.56 15.04 12.80
C LYS A 204 4.27 15.40 12.08
N LYS A 205 3.78 14.52 11.21
CA LYS A 205 2.54 14.69 10.48
C LYS A 205 1.88 13.32 10.40
N ALA A 206 0.73 13.26 9.75
CA ALA A 206 0.00 12.01 9.61
C ALA A 206 0.87 10.89 9.05
N VAL A 207 0.61 9.67 9.50
CA VAL A 207 1.29 8.48 8.99
C VAL A 207 0.43 7.90 7.87
N SER A 208 0.94 7.95 6.65
CA SER A 208 0.19 7.59 5.45
C SER A 208 0.34 6.14 5.03
N TYR A 209 1.45 5.49 5.37
CA TYR A 209 1.65 4.08 5.04
C TYR A 209 2.39 3.36 6.17
N VAL A 210 2.07 2.07 6.34
CA VAL A 210 2.82 1.15 7.18
C VAL A 210 3.02 -0.15 6.41
N LYS A 211 4.26 -0.65 6.39
CA LYS A 211 4.61 -1.86 5.66
CA LYS A 211 4.61 -1.86 5.66
C LYS A 211 5.72 -2.60 6.42
N PHE A 212 5.64 -3.93 6.46
CA PHE A 212 6.61 -4.73 7.19
C PHE A 212 7.72 -5.25 6.27
N LEU A 213 8.98 -5.09 6.69
CA LEU A 213 10.09 -5.75 6.01
C LEU A 213 10.23 -7.21 6.43
N SER A 214 9.78 -7.55 7.63
CA SER A 214 9.93 -8.87 8.22
C SER A 214 9.01 -8.91 9.44
N ASN A 215 9.03 -10.01 10.17
CA ASN A 215 8.17 -10.13 11.34
C ASN A 215 8.41 -9.03 12.37
N ASN A 216 9.65 -8.57 12.52
CA ASN A 216 9.98 -7.64 13.59
C ASN A 216 10.34 -6.23 13.11
N GLU A 217 10.33 -5.99 11.80
CA GLU A 217 10.75 -4.72 11.22
C GLU A 217 9.58 -4.09 10.50
N LEU A 218 9.19 -2.91 10.97
CA LEU A 218 8.08 -2.14 10.41
C LEU A 218 8.58 -0.82 9.86
N ALA A 219 8.13 -0.46 8.66
CA ALA A 219 8.42 0.83 8.08
C ALA A 219 7.14 1.65 7.95
N SER A 220 7.33 2.96 7.95
CA SER A 220 6.22 3.91 7.82
C SER A 220 6.63 5.07 6.91
N ALA A 221 5.61 5.70 6.33
CA ALA A 221 5.77 6.95 5.60
C ALA A 221 4.82 7.98 6.18
N SER A 222 5.15 9.26 5.98
CA SER A 222 4.40 10.36 6.57
C SER A 222 4.56 11.60 5.71
N THR A 223 3.58 12.49 5.81
CA THR A 223 3.62 13.79 5.15
C THR A 223 4.54 14.77 5.87
N ASP A 224 5.42 14.29 6.73
CA ASP A 224 6.57 15.04 7.20
C ASP A 224 7.81 14.81 6.33
N SER A 225 7.64 14.20 5.15
CA SER A 225 8.72 13.98 4.20
C SER A 225 9.77 13.02 4.74
N THR A 226 9.35 12.07 5.58
CA THR A 226 10.26 11.04 6.04
C THR A 226 9.66 9.65 5.88
N LEU A 227 10.54 8.66 5.77
CA LEU A 227 10.20 7.28 6.10
C LEU A 227 10.88 6.96 7.41
N ARG A 228 10.29 6.06 8.19
CA ARG A 228 10.90 5.62 9.44
C ARG A 228 10.84 4.11 9.57
N LEU A 229 11.85 3.57 10.23
CA LEU A 229 11.97 2.14 10.50
C LEU A 229 11.87 1.91 12.00
N TRP A 230 11.14 0.86 12.40
CA TRP A 230 10.80 0.59 13.78
C TRP A 230 10.98 -0.90 14.06
N ASP A 231 11.32 -1.21 15.32
CA ASP A 231 11.47 -2.58 15.81
C ASP A 231 10.25 -2.89 16.65
N VAL A 232 9.39 -3.80 16.16
CA VAL A 232 8.13 -4.13 16.83
C VAL A 232 8.27 -5.32 17.78
N LYS A 233 9.46 -5.89 17.92
CA LYS A 233 9.70 -6.85 18.99
C LYS A 233 10.05 -6.13 20.30
N ASP A 234 10.97 -5.17 20.23
CA ASP A 234 11.43 -4.44 21.40
C ASP A 234 10.89 -3.02 21.48
N ASN A 235 10.07 -2.61 20.52
CA ASN A 235 9.35 -1.32 20.55
C ASN A 235 10.32 -0.13 20.54
N LEU A 236 11.18 -0.11 19.52
CA LEU A 236 12.25 0.87 19.42
C LEU A 236 12.20 1.60 18.08
N PRO A 237 12.54 2.90 18.07
CA PRO A 237 12.83 3.57 16.80
C PRO A 237 14.17 3.06 16.30
N VAL A 238 14.30 2.95 14.97
CA VAL A 238 15.56 2.48 14.39
C VAL A 238 16.22 3.55 13.54
N ARG A 239 15.52 4.07 12.53
CA ARG A 239 16.15 4.94 11.53
C ARG A 239 15.11 5.81 10.88
N THR A 240 15.54 7.00 10.45
CA THR A 240 14.73 7.93 9.67
C THR A 240 15.40 8.14 8.32
N PHE A 241 14.62 8.07 7.25
CA PHE A 241 15.07 8.21 5.87
C PHE A 241 14.56 9.52 5.27
N ARG A 242 15.44 10.25 4.59
CA ARG A 242 15.12 11.57 4.07
CA ARG A 242 15.10 11.56 4.06
C ARG A 242 15.70 11.75 2.67
N GLY A 243 15.04 12.59 1.87
CA GLY A 243 15.49 12.96 0.54
C GLY A 243 14.37 13.34 -0.40
N HIS A 244 13.25 12.63 -0.29
CA HIS A 244 12.07 12.82 -1.12
C HIS A 244 11.20 13.95 -0.56
N THR A 245 10.25 14.39 -1.37
CA THR A 245 9.29 15.43 -0.98
C THR A 245 7.91 14.82 -0.83
N ASN A 246 7.36 14.86 0.37
CA ASN A 246 6.02 14.32 0.60
C ASN A 246 5.39 15.13 1.73
N GLU A 247 4.68 16.21 1.37
CA GLU A 247 4.04 17.10 2.30
C GLU A 247 2.52 17.05 2.23
N LYS A 248 1.95 16.33 1.27
CA LYS A 248 0.53 16.48 0.94
C LYS A 248 -0.14 15.17 0.56
N ASN A 249 0.43 14.44 -0.41
CA ASN A 249 -0.29 13.36 -1.08
C ASN A 249 0.07 11.99 -0.51
N PHE A 250 -0.79 11.03 -0.80
CA PHE A 250 -0.41 9.62 -0.74
C PHE A 250 0.49 9.32 -1.93
N VAL A 251 1.77 9.05 -1.68
CA VAL A 251 2.75 8.88 -2.75
C VAL A 251 3.30 7.46 -2.87
N GLY A 252 2.84 6.52 -2.03
CA GLY A 252 3.23 5.14 -2.10
C GLY A 252 4.42 4.78 -1.25
N LEU A 253 4.34 3.61 -0.59
CA LEU A 253 5.47 3.01 0.11
C LEU A 253 5.45 1.51 -0.14
N THR A 254 6.60 0.95 -0.46
CA THR A 254 6.75 -0.49 -0.61
C THR A 254 8.10 -0.90 -0.04
N VAL A 255 8.13 -2.04 0.66
CA VAL A 255 9.36 -2.52 1.27
C VAL A 255 9.52 -4.01 1.00
N ASN A 256 10.78 -4.47 1.08
CA ASN A 256 11.08 -5.89 1.06
C ASN A 256 12.11 -6.14 2.17
N SER A 257 12.84 -7.27 2.09
CA SER A 257 13.73 -7.62 3.19
CA SER A 257 13.73 -7.63 3.18
C SER A 257 14.82 -6.59 3.41
N GLU A 258 15.25 -5.88 2.36
CA GLU A 258 16.37 -4.96 2.45
C GLU A 258 16.09 -3.51 2.06
N TYR A 259 15.07 -3.24 1.24
CA TYR A 259 14.90 -1.94 0.62
C TYR A 259 13.53 -1.34 0.90
N LEU A 260 13.50 -0.01 0.93
CA LEU A 260 12.27 0.77 0.99
C LEU A 260 12.21 1.63 -0.27
N ALA A 261 11.05 1.73 -0.88
CA ALA A 261 10.85 2.63 -2.00
C ALA A 261 9.61 3.45 -1.75
N CYS A 262 9.66 4.72 -2.15
CA CYS A 262 8.51 5.59 -1.99
C CYS A 262 8.44 6.57 -3.15
N GLY A 263 7.26 7.15 -3.30
CA GLY A 263 7.07 8.22 -4.27
C GLY A 263 7.46 9.57 -3.70
N SER A 264 7.26 10.60 -4.52
CA SER A 264 7.54 11.96 -4.15
CA SER A 264 7.58 11.98 -4.18
C SER A 264 6.67 12.89 -5.00
N GLU A 265 6.42 14.08 -4.45
CA GLU A 265 5.64 15.11 -5.12
C GLU A 265 6.46 15.85 -6.18
N THR A 266 7.70 15.45 -6.37
CA THR A 266 8.54 15.88 -7.48
C THR A 266 8.47 14.93 -8.66
N ASN A 267 7.54 13.97 -8.66
CA ASN A 267 7.39 13.00 -9.75
C ASN A 267 8.64 12.13 -9.88
N GLU A 268 9.22 11.75 -8.74
CA GLU A 268 10.40 10.93 -8.67
C GLU A 268 10.14 9.76 -7.73
N VAL A 269 10.66 8.59 -8.10
CA VAL A 269 10.69 7.40 -7.24
CA VAL A 269 10.66 7.45 -7.19
C VAL A 269 12.01 7.38 -6.50
N TYR A 270 11.99 7.14 -5.19
CA TYR A 270 13.17 7.05 -4.35
C TYR A 270 13.33 5.65 -3.81
N VAL A 271 14.57 5.19 -3.73
CA VAL A 271 14.91 3.90 -3.13
C VAL A 271 15.94 4.12 -2.03
N TYR A 272 15.68 3.52 -0.87
CA TYR A 272 16.58 3.51 0.26
C TYR A 272 16.92 2.07 0.62
N HIS A 273 18.19 1.82 0.94
CA HIS A 273 18.54 0.60 1.65
C HIS A 273 18.25 0.83 3.12
N LYS A 274 17.73 -0.20 3.80
CA LYS A 274 17.26 -0.02 5.18
C LYS A 274 18.34 0.41 6.15
N GLU A 275 19.62 0.24 5.81
CA GLU A 275 20.69 0.65 6.71
C GLU A 275 21.24 2.05 6.43
N ILE A 276 20.76 2.73 5.41
N ILE A 276 20.75 2.75 5.42
CA ILE A 276 21.32 4.01 4.96
CA ILE A 276 21.33 4.01 4.95
C ILE A 276 20.19 5.04 4.95
C ILE A 276 20.24 5.08 4.86
N THR A 277 20.46 6.22 5.53
CA THR A 277 19.39 7.19 5.71
C THR A 277 19.10 8.03 4.47
N ARG A 278 20.02 8.15 3.53
CA ARG A 278 19.79 8.92 2.32
C ARG A 278 19.74 7.99 1.11
N PRO A 279 19.11 8.40 0.02
CA PRO A 279 18.73 7.45 -1.02
C PRO A 279 19.90 6.74 -1.70
N VAL A 280 19.70 5.47 -2.04
CA VAL A 280 20.68 4.84 -2.90
CA VAL A 280 20.61 4.75 -2.93
C VAL A 280 20.47 5.26 -4.36
N THR A 281 19.23 5.54 -4.77
CA THR A 281 18.98 6.04 -6.12
C THR A 281 17.60 6.65 -6.18
N SER A 282 17.33 7.30 -7.31
CA SER A 282 16.05 7.92 -7.58
C SER A 282 15.84 7.90 -9.09
N HIS A 283 14.59 8.03 -9.50
CA HIS A 283 14.22 8.01 -10.91
C HIS A 283 13.20 9.10 -11.19
N ARG A 284 13.51 10.00 -12.13
CA ARG A 284 12.56 11.00 -12.58
C ARG A 284 11.58 10.34 -13.55
N PHE A 285 10.29 10.38 -13.20
CA PHE A 285 9.29 9.62 -13.95
C PHE A 285 9.02 10.24 -15.29
N GLY A 286 9.11 11.58 -15.39
CA GLY A 286 8.87 12.29 -16.62
C GLY A 286 7.42 12.23 -17.06
N SER A 287 7.23 12.38 -18.36
CA SER A 287 5.92 12.23 -18.99
C SER A 287 6.07 11.47 -20.29
N ALA A 297 5.83 21.63 -17.16
CA ALA A 297 4.97 20.61 -17.77
C ALA A 297 3.85 20.18 -16.83
N GLY A 298 4.21 19.72 -15.63
CA GLY A 298 3.18 19.35 -14.66
C GLY A 298 3.75 19.13 -13.28
N SER A 299 2.88 19.24 -12.30
CA SER A 299 3.19 18.99 -10.89
C SER A 299 2.75 17.59 -10.48
N TYR A 300 3.09 16.62 -11.30
CA TYR A 300 2.69 15.25 -11.05
C TYR A 300 3.33 14.74 -9.78
N PHE A 301 2.70 13.72 -9.19
CA PHE A 301 3.26 13.01 -8.05
C PHE A 301 3.23 11.51 -8.32
N ILE A 302 4.25 10.80 -7.85
CA ILE A 302 4.16 9.35 -7.81
C ILE A 302 3.04 9.00 -6.85
N SER A 303 2.24 8.01 -7.19
CA SER A 303 1.03 7.72 -6.43
C SER A 303 0.94 6.28 -5.94
N ALA A 304 1.77 5.36 -6.47
CA ALA A 304 1.72 3.98 -6.03
C ALA A 304 3.01 3.27 -6.42
N VAL A 305 3.51 2.40 -5.54
CA VAL A 305 4.71 1.61 -5.79
C VAL A 305 4.54 0.21 -5.20
N CYS A 306 5.21 -0.79 -5.80
CA CYS A 306 5.15 -2.16 -5.28
CA CYS A 306 5.20 -2.13 -5.21
C CYS A 306 6.36 -2.98 -5.73
N TRP A 307 7.18 -3.46 -4.79
CA TRP A 307 8.26 -4.37 -5.16
C TRP A 307 7.69 -5.71 -5.63
N LYS A 308 8.43 -6.36 -6.52
CA LYS A 308 8.19 -7.75 -6.89
C LYS A 308 8.92 -8.61 -5.88
N SER A 309 8.28 -8.86 -4.76
CA SER A 309 8.85 -9.61 -3.61
C SER A 309 10.24 -9.08 -3.27
N ASP A 310 11.22 -9.95 -3.03
CA ASP A 310 12.54 -9.53 -2.59
CA ASP A 310 12.55 -9.57 -2.59
C ASP A 310 13.50 -9.24 -3.76
N SER A 311 12.98 -9.11 -4.96
CA SER A 311 13.78 -8.88 -6.15
C SER A 311 14.00 -7.39 -6.34
N PRO A 312 14.93 -7.03 -7.21
CA PRO A 312 15.14 -5.61 -7.54
C PRO A 312 14.11 -5.01 -8.49
N THR A 313 13.10 -5.77 -8.91
CA THR A 313 12.06 -5.26 -9.80
C THR A 313 10.91 -4.65 -9.01
N MET A 314 10.34 -3.57 -9.55
CA MET A 314 9.29 -2.80 -8.89
CA MET A 314 9.23 -2.92 -8.90
C MET A 314 8.27 -2.32 -9.91
N LEU A 315 7.01 -2.24 -9.50
CA LEU A 315 5.98 -1.54 -10.26
C LEU A 315 5.81 -0.15 -9.66
N THR A 316 5.53 0.82 -10.53
CA THR A 316 5.30 2.20 -10.12
C THR A 316 4.21 2.82 -10.97
N ALA A 317 3.53 3.81 -10.40
CA ALA A 317 2.50 4.55 -11.15
C ALA A 317 2.44 5.96 -10.59
N ASN A 318 1.95 6.88 -11.42
CA ASN A 318 1.89 8.28 -11.01
C ASN A 318 0.49 8.87 -11.23
N SER A 319 0.37 10.15 -10.89
CA SER A 319 -0.90 10.85 -10.86
C SER A 319 -1.50 11.06 -12.23
N GLN A 320 -0.71 10.86 -13.29
CA GLN A 320 -1.24 10.86 -14.64
C GLN A 320 -1.78 9.51 -15.07
N GLY A 321 -1.52 8.46 -14.29
CA GLY A 321 -1.97 7.13 -14.62
C GLY A 321 -0.96 6.32 -15.40
N THR A 322 0.24 6.86 -15.63
CA THR A 322 1.26 6.09 -16.29
C THR A 322 1.82 5.04 -15.33
N ILE A 323 2.09 3.86 -15.87
CA ILE A 323 2.68 2.76 -15.11
C ILE A 323 4.07 2.47 -15.68
N LYS A 324 5.04 2.28 -14.80
CA LYS A 324 6.36 1.83 -15.23
C LYS A 324 6.83 0.63 -14.43
N VAL A 325 7.48 -0.30 -15.10
CA VAL A 325 8.23 -1.38 -14.45
C VAL A 325 9.69 -0.95 -14.40
N LEU A 326 10.22 -0.86 -13.19
CA LEU A 326 11.60 -0.45 -12.95
C LEU A 326 12.39 -1.60 -12.33
N VAL A 327 13.70 -1.59 -12.55
CA VAL A 327 14.59 -2.56 -11.93
CA VAL A 327 14.59 -2.56 -11.93
C VAL A 327 15.83 -1.86 -11.41
N LEU A 328 16.15 -2.08 -10.14
CA LEU A 328 17.40 -1.58 -9.58
C LEU A 328 18.55 -2.21 -10.34
N ALA A 329 19.57 -1.40 -10.67
CA ALA A 329 20.67 -1.89 -11.49
C ALA A 329 21.96 -1.18 -11.09
N ALA A 330 23.07 -1.85 -11.37
CA ALA A 330 24.40 -1.31 -11.12
C ALA A 330 24.61 -0.03 -11.93
N TYR B 2 -10.96 16.54 -3.33
CA TYR B 2 -9.52 16.36 -3.24
C TYR B 2 -9.16 14.89 -3.36
N LEU B 3 -8.14 14.59 -4.15
CA LEU B 3 -7.86 13.22 -4.55
C LEU B 3 -6.51 12.78 -4.00
N GLN B 4 -6.53 11.69 -3.25
CA GLN B 4 -5.31 11.11 -2.71
C GLN B 4 -4.51 12.15 -1.92
N ILE B 5 -5.20 12.91 -1.09
CA ILE B 5 -4.61 13.86 -0.17
C ILE B 5 -4.72 13.28 1.25
N VAL B 6 -3.61 13.23 1.95
CA VAL B 6 -3.57 12.65 3.30
C VAL B 6 -4.33 13.55 4.27
N PRO B 7 -5.20 13.00 5.12
CA PRO B 7 -5.88 13.86 6.10
C PRO B 7 -4.89 14.53 7.03
N GLU B 8 -5.21 15.77 7.42
CA GLU B 8 -4.38 16.60 8.28
C GLU B 8 -5.31 17.20 9.31
N ILE B 9 -5.22 16.72 10.55
CA ILE B 9 -6.14 17.16 11.60
C ILE B 9 -5.46 18.19 12.50
#